data_9GV1
#
_entry.id   9GV1
#
_cell.length_a   108.703
_cell.length_b   108.703
_cell.length_c   209.157
_cell.angle_alpha   90
_cell.angle_beta   90
_cell.angle_gamma   90
#
_symmetry.space_group_name_H-M   'I 4 2 2'
#
loop_
_entity.id
_entity.type
_entity.pdbx_description
1 polymer 'Ion transport protein'
2 non-polymer HEGA-10
3 non-polymer 'DODECAETHYLENE GLYCOL'
4 non-polymer PHOSPHATIDYLETHANOLAMINE
5 non-polymer sevoflurane
6 water water
#
_entity_poly.entity_id   1
_entity_poly.type   'polypeptide(L)'
_entity_poly.pdbx_seq_one_letter_code
;SHMSRKIRDLIESKRFQNVITAIIVLNGAVLGLLTDTTLSASSQNLLERVDQLCLTIFIVEISLKIYAYGVRGFFRSGWN
LFDFVIVAIALMPAQGSLSVLRTFRIFRVMRLVSVIPTMRRVVQGMLLALPGVGSVAALLTVVFYIAAVMATNLYGATFP
EWFGDLSKSLYTLFQVMTLESWSMGIVRPVMNVHPNAWVFFIPFIMLTTLTVLNLFIGIIVDAMAITKEQEEEAKTGHHQ
EPISQTLLHLGDRLDRIEKQLAQNNELLQRQQPQKK
;
_entity_poly.pdbx_strand_id   A
#
# COMPACT_ATOMS: atom_id res chain seq x y z
N SER A 1 31.92 18.77 -2.23
CA SER A 1 31.44 18.86 -3.63
C SER A 1 31.96 17.69 -4.47
N HIS A 2 33.27 17.41 -4.39
CA HIS A 2 33.77 16.12 -4.87
C HIS A 2 33.42 15.02 -3.86
N MET A 3 33.32 15.40 -2.57
CA MET A 3 33.00 14.47 -1.51
C MET A 3 31.55 14.02 -1.70
N SER A 4 30.62 14.99 -1.62
CA SER A 4 29.22 14.83 -1.98
CA SER A 4 29.23 14.82 -1.96
C SER A 4 29.06 13.82 -3.11
N ARG A 5 29.75 14.08 -4.23
CA ARG A 5 29.66 13.23 -5.40
C ARG A 5 30.19 11.82 -5.14
N LYS A 6 31.18 11.68 -4.27
CA LYS A 6 31.73 10.34 -4.10
C LYS A 6 30.86 9.51 -3.14
N ILE A 7 30.03 10.23 -2.36
CA ILE A 7 29.21 9.66 -1.30
C ILE A 7 27.87 9.26 -1.93
N ARG A 8 27.27 10.20 -2.66
CA ARG A 8 26.13 9.97 -3.55
C ARG A 8 26.43 8.77 -4.45
N ASP A 9 27.71 8.53 -4.78
CA ASP A 9 28.04 7.38 -5.61
C ASP A 9 28.11 6.09 -4.78
N LEU A 10 28.35 6.24 -3.46
CA LEU A 10 28.34 5.12 -2.53
C LEU A 10 26.90 4.64 -2.33
N ILE A 11 26.07 5.60 -1.89
CA ILE A 11 24.66 5.55 -1.58
C ILE A 11 23.93 4.92 -2.76
N GLU A 12 24.12 5.48 -3.97
CA GLU A 12 23.49 4.99 -5.19
C GLU A 12 24.14 3.71 -5.69
N SER A 13 25.18 3.26 -4.97
CA SER A 13 25.83 1.99 -5.24
C SER A 13 24.86 0.80 -5.08
N LYS A 14 25.16 -0.32 -5.75
CA LYS A 14 24.41 -1.55 -5.64
C LYS A 14 24.89 -2.40 -4.46
N ARG A 15 26.15 -2.25 -4.07
CA ARG A 15 26.69 -2.94 -2.91
C ARG A 15 26.14 -2.31 -1.62
N PHE A 16 25.95 -0.98 -1.64
CA PHE A 16 25.47 -0.27 -0.46
C PHE A 16 24.02 -0.63 -0.17
N GLN A 17 23.23 -0.79 -1.26
CA GLN A 17 21.83 -1.18 -1.20
C GLN A 17 21.71 -2.59 -0.61
N ASN A 18 22.49 -3.54 -1.14
CA ASN A 18 22.61 -4.91 -0.64
C ASN A 18 22.93 -4.92 0.85
N VAL A 19 23.68 -3.92 1.33
CA VAL A 19 24.09 -3.91 2.72
C VAL A 19 22.96 -3.36 3.60
N ILE A 20 22.26 -2.32 3.14
CA ILE A 20 21.12 -1.78 3.87
C ILE A 20 20.02 -2.87 3.91
N THR A 21 19.78 -3.56 2.78
CA THR A 21 18.85 -4.68 2.67
C THR A 21 19.16 -5.68 3.78
N ALA A 22 20.43 -6.16 3.81
CA ALA A 22 20.93 -7.15 4.76
C ALA A 22 20.68 -6.69 6.19
N ILE A 23 20.75 -5.38 6.44
CA ILE A 23 20.56 -4.92 7.80
C ILE A 23 19.07 -4.87 8.17
N ILE A 24 18.20 -4.56 7.19
CA ILE A 24 16.76 -4.49 7.42
C ILE A 24 16.29 -5.90 7.83
N VAL A 25 16.79 -6.89 7.10
CA VAL A 25 16.41 -8.29 7.23
C VAL A 25 16.87 -8.78 8.59
N LEU A 26 18.10 -8.39 8.95
CA LEU A 26 18.66 -8.75 10.23
C LEU A 26 17.82 -8.11 11.33
N ASN A 27 17.57 -6.80 11.23
CA ASN A 27 16.80 -6.14 12.26
C ASN A 27 15.45 -6.90 12.35
N GLY A 28 14.91 -7.33 11.19
CA GLY A 28 13.59 -7.95 11.13
C GLY A 28 13.56 -9.30 11.82
N ALA A 29 14.59 -10.12 11.55
CA ALA A 29 14.80 -11.46 12.08
C ALA A 29 14.92 -11.40 13.58
N VAL A 30 15.58 -10.34 14.07
CA VAL A 30 15.77 -10.22 15.51
C VAL A 30 14.47 -9.78 16.20
N LEU A 31 13.68 -8.91 15.56
CA LEU A 31 12.42 -8.52 16.17
C LEU A 31 11.43 -9.71 16.25
N GLY A 32 11.62 -10.65 15.33
CA GLY A 32 10.90 -11.90 15.20
C GLY A 32 11.34 -12.85 16.31
N LEU A 33 12.65 -12.98 16.56
CA LEU A 33 13.16 -13.85 17.61
C LEU A 33 12.68 -13.30 18.93
N LEU A 34 12.55 -11.98 19.00
CA LEU A 34 12.09 -11.43 20.27
C LEU A 34 10.59 -11.65 20.58
N THR A 35 9.79 -12.20 19.64
CA THR A 35 8.39 -12.46 20.00
C THR A 35 8.34 -13.67 20.96
N ASP A 36 9.35 -14.53 20.85
CA ASP A 36 9.52 -15.76 21.61
C ASP A 36 9.66 -15.43 23.09
N THR A 37 8.62 -15.83 23.82
CA THR A 37 8.36 -15.56 25.23
C THR A 37 9.32 -16.37 26.12
N THR A 38 9.87 -17.47 25.59
CA THR A 38 10.71 -18.34 26.42
C THR A 38 12.18 -17.88 26.54
N LEU A 39 12.56 -16.69 26.02
CA LEU A 39 13.99 -16.38 25.89
C LEU A 39 14.60 -16.07 27.25
N SER A 40 15.87 -16.53 27.46
CA SER A 40 16.63 -16.03 28.60
C SER A 40 16.79 -14.51 28.51
N ALA A 41 17.11 -13.88 29.64
CA ALA A 41 17.21 -12.42 29.69
C ALA A 41 18.49 -11.98 28.98
N SER A 42 19.44 -12.91 28.86
CA SER A 42 20.70 -12.61 28.20
C SER A 42 20.50 -12.74 26.69
N SER A 43 19.71 -13.75 26.31
CA SER A 43 19.26 -13.91 24.93
C SER A 43 18.56 -12.64 24.45
N GLN A 44 17.66 -12.10 25.29
CA GLN A 44 16.88 -10.95 24.90
C GLN A 44 17.79 -9.73 24.82
N ASN A 45 18.81 -9.74 25.68
CA ASN A 45 19.72 -8.61 25.83
C ASN A 45 20.59 -8.46 24.57
N LEU A 46 21.17 -9.57 24.12
CA LEU A 46 21.91 -9.67 22.88
C LEU A 46 21.02 -9.13 21.77
N LEU A 47 19.88 -9.80 21.57
CA LEU A 47 18.95 -9.48 20.49
C LEU A 47 18.70 -7.98 20.55
N GLU A 48 18.52 -7.44 21.75
CA GLU A 48 18.17 -6.02 21.80
C GLU A 48 19.37 -5.14 21.45
N ARG A 49 20.59 -5.71 21.56
CA ARG A 49 21.80 -4.99 21.18
C ARG A 49 21.93 -5.07 19.66
N VAL A 50 21.68 -6.27 19.10
CA VAL A 50 21.65 -6.43 17.66
C VAL A 50 20.72 -5.40 16.98
N ASP A 51 19.70 -4.92 17.71
CA ASP A 51 18.67 -4.03 17.20
C ASP A 51 19.11 -2.55 17.29
N GLN A 52 19.79 -2.19 18.39
CA GLN A 52 20.41 -0.88 18.56
C GLN A 52 21.44 -0.61 17.46
N LEU A 53 22.28 -1.61 17.18
CA LEU A 53 23.23 -1.66 16.10
C LEU A 53 22.55 -1.40 14.75
N CYS A 54 21.51 -2.20 14.43
CA CYS A 54 20.78 -2.05 13.17
C CYS A 54 20.30 -0.62 13.12
N LEU A 55 19.72 -0.17 14.23
CA LEU A 55 19.19 1.16 14.10
C LEU A 55 20.31 2.20 13.94
N THR A 56 21.54 1.91 14.45
CA THR A 56 22.61 2.88 14.38
C THR A 56 23.08 2.99 12.92
N ILE A 57 23.26 1.83 12.28
CA ILE A 57 23.61 1.78 10.88
C ILE A 57 22.64 2.62 10.04
N PHE A 58 21.35 2.63 10.40
CA PHE A 58 20.35 3.34 9.62
C PHE A 58 20.52 4.85 9.79
N ILE A 59 21.02 5.26 10.97
CA ILE A 59 21.23 6.66 11.30
C ILE A 59 22.35 7.21 10.41
N VAL A 60 23.39 6.40 10.24
CA VAL A 60 24.58 6.76 9.48
C VAL A 60 24.16 6.91 8.02
N GLU A 61 23.65 5.82 7.43
CA GLU A 61 22.94 5.78 6.16
C GLU A 61 22.13 7.06 5.90
N ILE A 62 21.17 7.36 6.79
CA ILE A 62 20.29 8.51 6.56
C ILE A 62 21.13 9.80 6.58
N SER A 63 22.17 9.83 7.42
CA SER A 63 23.11 10.94 7.53
C SER A 63 23.87 11.10 6.20
N LEU A 64 24.58 10.04 5.81
CA LEU A 64 25.22 9.98 4.51
C LEU A 64 24.30 10.50 3.41
N LYS A 65 22.98 10.43 3.63
CA LYS A 65 22.02 10.80 2.60
C LYS A 65 21.64 12.28 2.71
N ILE A 66 21.22 12.72 3.91
CA ILE A 66 20.77 14.10 4.07
C ILE A 66 21.91 15.02 3.68
N TYR A 67 23.14 14.57 3.93
CA TYR A 67 24.34 15.33 3.62
C TYR A 67 24.55 15.39 2.11
N ALA A 68 24.74 14.22 1.47
CA ALA A 68 25.10 14.13 0.06
C ALA A 68 24.00 14.63 -0.88
N TYR A 69 22.97 15.32 -0.37
CA TYR A 69 21.83 15.72 -1.19
C TYR A 69 21.28 17.01 -0.60
N GLY A 70 21.70 17.28 0.64
CA GLY A 70 21.24 18.46 1.38
C GLY A 70 19.82 18.25 1.88
N VAL A 71 19.44 19.08 2.87
CA VAL A 71 18.16 19.01 3.56
C VAL A 71 17.01 19.01 2.55
N ARG A 72 17.05 19.91 1.57
CA ARG A 72 15.87 20.07 0.73
C ARG A 72 15.85 19.02 -0.38
N GLY A 73 17.01 18.48 -0.73
CA GLY A 73 17.10 17.50 -1.80
C GLY A 73 16.61 16.12 -1.35
N PHE A 74 16.95 15.77 -0.11
CA PHE A 74 16.57 14.50 0.50
C PHE A 74 15.08 14.49 0.75
N PHE A 75 14.59 15.54 1.42
CA PHE A 75 13.19 15.71 1.76
C PHE A 75 12.36 16.04 0.52
N ARG A 76 12.92 15.84 -0.67
CA ARG A 76 12.12 16.09 -1.86
C ARG A 76 11.42 14.78 -2.26
N SER A 77 11.94 13.67 -1.72
CA SER A 77 11.41 12.33 -1.98
C SER A 77 10.56 11.84 -0.81
N GLY A 78 9.36 11.33 -1.12
CA GLY A 78 8.43 10.80 -0.13
C GLY A 78 9.01 9.56 0.56
N TRP A 79 9.85 8.85 -0.18
CA TRP A 79 10.52 7.66 0.30
C TRP A 79 11.62 8.03 1.27
N ASN A 80 12.34 9.11 0.97
CA ASN A 80 13.38 9.55 1.89
C ASN A 80 12.72 9.93 3.22
N LEU A 81 11.64 10.71 3.11
CA LEU A 81 10.87 11.15 4.25
C LEU A 81 10.42 9.92 5.05
N PHE A 82 9.77 8.99 4.37
CA PHE A 82 9.30 7.77 5.01
C PHE A 82 10.47 7.11 5.75
N ASP A 83 11.60 6.94 5.06
CA ASP A 83 12.77 6.38 5.68
C ASP A 83 13.18 7.15 6.93
N PHE A 84 12.96 8.47 6.87
CA PHE A 84 13.50 9.39 7.86
C PHE A 84 12.62 9.27 9.09
N VAL A 85 11.30 9.40 8.88
CA VAL A 85 10.34 9.28 9.97
C VAL A 85 10.54 7.94 10.68
N ILE A 86 10.60 6.86 9.90
CA ILE A 86 10.57 5.54 10.50
C ILE A 86 11.80 5.37 11.40
N VAL A 87 12.92 6.00 11.00
CA VAL A 87 14.18 5.79 11.68
C VAL A 87 14.25 6.75 12.86
N ALA A 88 13.70 7.96 12.65
CA ALA A 88 13.72 9.03 13.62
C ALA A 88 12.80 8.72 14.78
N ILE A 89 11.65 8.12 14.46
CA ILE A 89 10.62 7.76 15.42
C ILE A 89 11.21 6.85 16.49
N ALA A 90 12.12 5.95 16.08
CA ALA A 90 12.78 5.01 16.97
C ALA A 90 13.75 5.72 17.93
N LEU A 91 13.80 7.06 17.88
CA LEU A 91 14.78 7.81 18.64
C LEU A 91 14.12 8.67 19.71
N MET A 92 12.80 8.56 19.87
CA MET A 92 12.05 9.41 20.78
C MET A 92 12.01 8.81 22.20
N THR A 103 6.16 1.83 18.79
CA THR A 103 5.91 0.67 19.70
C THR A 103 5.84 -0.63 18.88
N PHE A 104 5.38 -0.50 17.62
CA PHE A 104 5.51 -1.48 16.55
C PHE A 104 6.77 -1.18 15.72
N ARG A 105 7.92 -1.56 16.26
CA ARG A 105 9.20 -1.36 15.64
C ARG A 105 9.32 -2.20 14.38
N ILE A 106 8.58 -3.33 14.32
CA ILE A 106 8.65 -4.28 13.20
C ILE A 106 8.26 -3.55 11.91
N PHE A 107 7.56 -2.42 12.03
CA PHE A 107 7.26 -1.64 10.84
C PHE A 107 8.54 -1.16 10.12
N ARG A 108 9.66 -1.16 10.83
CA ARG A 108 10.93 -0.80 10.22
C ARG A 108 11.20 -1.68 9.02
N VAL A 109 10.62 -2.90 9.01
CA VAL A 109 10.85 -3.84 7.91
C VAL A 109 10.18 -3.34 6.61
N MET A 110 9.27 -2.38 6.74
N MET A 110 9.28 -2.36 6.69
CA MET A 110 8.71 -1.79 5.54
CA MET A 110 8.73 -1.81 5.45
C MET A 110 9.83 -1.23 4.65
C MET A 110 9.77 -0.99 4.69
N ARG A 111 10.96 -0.84 5.28
CA ARG A 111 12.07 -0.20 4.58
C ARG A 111 12.56 -1.14 3.47
N LEU A 112 12.23 -2.43 3.53
CA LEU A 112 12.54 -3.27 2.37
C LEU A 112 11.85 -2.72 1.12
N VAL A 113 10.70 -2.08 1.31
CA VAL A 113 10.01 -1.53 0.17
C VAL A 113 10.67 -0.23 -0.33
N SER A 114 10.95 0.72 0.58
CA SER A 114 11.58 2.00 0.26
C SER A 114 12.95 1.81 -0.39
N VAL A 115 13.72 0.79 0.02
CA VAL A 115 15.09 0.58 -0.43
C VAL A 115 15.22 -0.30 -1.66
N ILE A 116 14.35 -1.30 -1.85
CA ILE A 116 14.48 -2.12 -3.05
C ILE A 116 13.65 -1.53 -4.19
N PRO A 117 14.24 -1.06 -5.33
CA PRO A 117 13.50 -0.35 -6.36
C PRO A 117 12.29 -0.99 -7.05
N THR A 118 12.35 -2.29 -7.36
CA THR A 118 11.27 -3.03 -7.99
C THR A 118 10.12 -3.16 -6.99
N MET A 119 10.44 -3.16 -5.69
CA MET A 119 9.41 -3.22 -4.66
C MET A 119 8.78 -1.83 -4.53
N ARG A 120 9.64 -0.82 -4.56
CA ARG A 120 9.12 0.52 -4.49
C ARG A 120 8.15 0.78 -5.63
N ARG A 121 8.46 0.27 -6.85
CA ARG A 121 7.64 0.53 -8.02
C ARG A 121 6.27 -0.20 -7.92
N VAL A 122 6.24 -1.39 -7.30
CA VAL A 122 4.94 -2.03 -7.05
C VAL A 122 4.09 -1.12 -6.17
N VAL A 123 4.70 -0.59 -5.11
CA VAL A 123 3.92 0.20 -4.20
C VAL A 123 3.45 1.50 -4.84
N GLN A 124 4.35 2.17 -5.60
CA GLN A 124 4.00 3.40 -6.30
C GLN A 124 2.88 3.15 -7.31
N GLY A 125 2.91 2.00 -8.01
CA GLY A 125 1.80 1.73 -8.92
C GLY A 125 0.45 1.72 -8.16
N MET A 126 0.46 1.13 -6.94
CA MET A 126 -0.78 0.98 -6.19
C MET A 126 -1.25 2.33 -5.68
N LEU A 127 -0.32 3.14 -5.13
CA LEU A 127 -0.66 4.45 -4.61
C LEU A 127 -1.21 5.31 -5.75
N LEU A 128 -0.57 5.21 -6.93
CA LEU A 128 -0.93 6.07 -8.03
C LEU A 128 -2.27 5.63 -8.59
N ALA A 129 -2.63 4.36 -8.40
CA ALA A 129 -3.92 3.96 -8.92
C ALA A 129 -5.04 4.41 -7.97
N LEU A 130 -4.74 4.86 -6.75
CA LEU A 130 -5.85 5.09 -5.82
C LEU A 130 -6.78 6.20 -6.30
N PRO A 131 -6.28 7.39 -6.72
CA PRO A 131 -7.16 8.43 -7.28
C PRO A 131 -8.24 7.98 -8.26
N GLY A 132 -7.89 7.12 -9.21
CA GLY A 132 -8.88 6.77 -10.21
C GLY A 132 -9.91 5.75 -9.74
N VAL A 133 -9.84 5.26 -8.49
CA VAL A 133 -10.94 4.42 -8.01
C VAL A 133 -11.68 5.15 -6.89
N GLY A 134 -11.32 6.42 -6.65
CA GLY A 134 -11.81 7.16 -5.49
C GLY A 134 -13.34 7.23 -5.50
N SER A 135 -13.91 7.24 -6.69
CA SER A 135 -15.36 7.33 -6.80
C SER A 135 -16.06 6.00 -6.54
N VAL A 136 -15.46 4.86 -6.94
CA VAL A 136 -15.99 3.53 -6.65
C VAL A 136 -15.93 3.30 -5.14
N ALA A 137 -14.83 3.69 -4.51
CA ALA A 137 -14.62 3.58 -3.07
C ALA A 137 -15.63 4.44 -2.30
N ALA A 138 -15.90 5.66 -2.81
CA ALA A 138 -16.86 6.53 -2.17
C ALA A 138 -18.24 5.87 -2.24
N LEU A 139 -18.58 5.30 -3.41
CA LEU A 139 -19.89 4.67 -3.55
C LEU A 139 -20.01 3.49 -2.55
N LEU A 140 -18.96 2.67 -2.43
CA LEU A 140 -18.95 1.59 -1.46
C LEU A 140 -19.17 2.15 -0.04
N THR A 141 -18.44 3.22 0.29
CA THR A 141 -18.56 3.91 1.58
C THR A 141 -20.01 4.32 1.85
N VAL A 142 -20.65 4.94 0.85
CA VAL A 142 -22.04 5.36 0.99
C VAL A 142 -22.98 4.15 1.19
N VAL A 143 -22.79 3.08 0.40
CA VAL A 143 -23.66 1.91 0.58
C VAL A 143 -23.51 1.37 2.02
N PHE A 144 -22.28 1.33 2.54
CA PHE A 144 -22.04 0.80 3.86
C PHE A 144 -22.75 1.63 4.90
N TYR A 145 -22.65 2.98 4.74
CA TYR A 145 -23.12 3.91 5.78
C TYR A 145 -24.61 3.73 5.85
N ILE A 146 -25.21 3.73 4.66
CA ILE A 146 -26.66 3.63 4.62
C ILE A 146 -27.09 2.28 5.17
N ALA A 147 -26.44 1.20 4.70
CA ALA A 147 -26.79 -0.15 5.18
C ALA A 147 -26.61 -0.21 6.68
N ALA A 148 -25.55 0.39 7.23
CA ALA A 148 -25.40 0.28 8.68
C ALA A 148 -26.43 1.02 9.53
N VAL A 149 -26.91 2.15 8.99
CA VAL A 149 -27.95 2.88 9.71
C VAL A 149 -29.21 2.06 9.65
N MET A 150 -29.56 1.59 8.47
CA MET A 150 -30.78 0.81 8.41
C MET A 150 -30.69 -0.45 9.29
N ALA A 151 -29.55 -1.17 9.29
CA ALA A 151 -29.49 -2.45 10.04
C ALA A 151 -29.58 -2.16 11.55
N THR A 152 -28.95 -1.07 11.99
CA THR A 152 -29.07 -0.64 13.38
C THR A 152 -30.54 -0.44 13.79
N ASN A 153 -31.31 0.33 13.00
CA ASN A 153 -32.73 0.61 13.28
C ASN A 153 -33.55 -0.65 13.12
N LEU A 154 -33.27 -1.44 12.08
CA LEU A 154 -34.10 -2.64 11.90
C LEU A 154 -33.81 -3.72 12.97
N TYR A 155 -32.55 -3.93 13.39
CA TYR A 155 -32.22 -5.24 14.01
C TYR A 155 -31.53 -5.02 15.34
N GLY A 156 -31.17 -3.77 15.62
CA GLY A 156 -30.41 -3.38 16.80
C GLY A 156 -31.04 -3.81 18.14
N ALA A 157 -32.38 -3.79 18.22
CA ALA A 157 -33.04 -4.09 19.49
C ALA A 157 -33.13 -5.60 19.69
N THR A 158 -33.28 -6.36 18.58
CA THR A 158 -33.45 -7.78 18.72
C THR A 158 -32.11 -8.54 18.59
N PHE A 159 -31.08 -7.92 18.02
CA PHE A 159 -29.77 -8.48 17.72
C PHE A 159 -28.67 -7.52 18.10
N PRO A 160 -28.58 -7.08 19.38
CA PRO A 160 -27.71 -5.97 19.69
C PRO A 160 -26.22 -6.27 19.64
N GLU A 161 -25.82 -7.55 19.80
CA GLU A 161 -24.37 -7.83 19.68
C GLU A 161 -23.91 -7.60 18.24
N TRP A 162 -24.79 -7.79 17.26
CA TRP A 162 -24.38 -7.63 15.84
C TRP A 162 -24.75 -6.28 15.25
N PHE A 163 -25.81 -5.65 15.82
CA PHE A 163 -26.40 -4.48 15.20
C PHE A 163 -26.73 -3.38 16.20
N GLY A 164 -26.29 -3.52 17.46
CA GLY A 164 -26.83 -2.76 18.57
C GLY A 164 -26.49 -1.25 18.41
N ASP A 165 -25.46 -0.89 17.65
CA ASP A 165 -25.10 0.50 17.40
C ASP A 165 -24.43 0.51 16.03
N LEU A 166 -24.14 1.70 15.53
CA LEU A 166 -23.66 1.90 14.18
C LEU A 166 -22.35 1.16 13.93
N SER A 167 -21.43 1.20 14.88
CA SER A 167 -20.14 0.55 14.85
C SER A 167 -20.24 -0.98 14.70
N LYS A 168 -21.13 -1.56 15.50
CA LYS A 168 -21.46 -2.97 15.49
C LYS A 168 -22.01 -3.35 14.13
N SER A 169 -22.96 -2.54 13.60
CA SER A 169 -23.57 -2.76 12.31
C SER A 169 -22.52 -2.77 11.21
N LEU A 170 -21.61 -1.79 11.20
CA LEU A 170 -20.61 -1.69 10.15
C LEU A 170 -19.70 -2.95 10.17
N TYR A 171 -19.20 -3.30 11.35
CA TYR A 171 -18.40 -4.51 11.58
C TYR A 171 -19.12 -5.75 11.02
N THR A 172 -20.33 -6.00 11.49
CA THR A 172 -21.16 -7.08 10.98
C THR A 172 -21.35 -7.04 9.47
N LEU A 173 -21.66 -5.85 8.91
CA LEU A 173 -21.86 -5.79 7.46
C LEU A 173 -20.57 -6.06 6.69
N PHE A 174 -19.41 -5.66 7.26
CA PHE A 174 -18.14 -5.93 6.61
C PHE A 174 -17.96 -7.47 6.56
N GLN A 175 -18.22 -8.15 7.69
CA GLN A 175 -18.19 -9.61 7.78
C GLN A 175 -19.14 -10.24 6.74
N VAL A 176 -20.32 -9.65 6.59
CA VAL A 176 -21.35 -10.11 5.65
C VAL A 176 -20.85 -9.97 4.21
N MET A 177 -20.24 -8.83 3.86
CA MET A 177 -19.70 -8.63 2.54
C MET A 177 -18.56 -9.63 2.24
N THR A 178 -17.73 -9.97 3.24
CA THR A 178 -16.74 -11.00 3.02
C THR A 178 -17.40 -12.38 2.95
N LEU A 179 -18.72 -12.51 3.19
CA LEU A 179 -19.40 -13.79 3.01
C LEU A 179 -19.06 -14.74 4.16
N GLU A 180 -18.46 -14.22 5.25
CA GLU A 180 -18.03 -15.14 6.30
C GLU A 180 -19.16 -15.47 7.26
N SER A 181 -19.57 -16.74 7.33
CA SER A 181 -20.75 -17.16 8.08
C SER A 181 -21.98 -16.27 7.89
N TRP A 182 -22.16 -15.67 6.73
CA TRP A 182 -23.16 -14.60 6.62
C TRP A 182 -24.55 -15.21 6.83
N SER A 183 -24.67 -16.50 6.51
CA SER A 183 -26.01 -17.09 6.56
C SER A 183 -26.20 -17.94 7.79
N MET A 184 -25.41 -19.02 7.97
CA MET A 184 -25.57 -19.85 9.17
C MET A 184 -25.33 -19.00 10.40
N GLY A 185 -24.41 -18.02 10.34
CA GLY A 185 -24.07 -17.40 11.60
C GLY A 185 -24.89 -16.10 11.86
N ILE A 186 -25.31 -15.36 10.83
CA ILE A 186 -25.96 -14.03 11.00
C ILE A 186 -27.43 -14.08 10.48
N VAL A 187 -27.63 -14.35 9.19
CA VAL A 187 -28.91 -14.07 8.54
C VAL A 187 -29.97 -15.13 8.92
N ARG A 188 -29.62 -16.40 8.96
CA ARG A 188 -30.67 -17.33 9.40
C ARG A 188 -31.13 -16.98 10.83
N PRO A 189 -30.25 -16.77 11.83
CA PRO A 189 -30.73 -16.39 13.19
C PRO A 189 -31.61 -15.11 13.16
N VAL A 190 -31.23 -14.11 12.38
CA VAL A 190 -31.98 -12.87 12.15
C VAL A 190 -33.38 -13.22 11.60
N MET A 191 -33.49 -14.07 10.56
CA MET A 191 -34.76 -14.41 9.95
C MET A 191 -35.70 -15.19 10.86
N ASN A 192 -35.18 -15.90 11.88
CA ASN A 192 -36.06 -16.55 12.84
C ASN A 192 -36.86 -15.47 13.57
N VAL A 193 -36.31 -14.27 13.73
CA VAL A 193 -37.13 -13.24 14.36
C VAL A 193 -37.74 -12.35 13.25
N HIS A 194 -37.02 -12.04 12.16
CA HIS A 194 -37.50 -11.08 11.16
C HIS A 194 -37.51 -11.77 9.82
N PRO A 195 -38.60 -12.50 9.50
CA PRO A 195 -38.58 -13.42 8.36
C PRO A 195 -38.26 -12.79 7.00
N ASN A 196 -38.41 -11.47 6.84
CA ASN A 196 -38.11 -10.97 5.49
C ASN A 196 -36.71 -10.36 5.46
N ALA A 197 -35.84 -10.66 6.45
CA ALA A 197 -34.55 -9.97 6.54
C ALA A 197 -33.67 -10.27 5.32
N TRP A 198 -34.02 -11.34 4.55
CA TRP A 198 -33.25 -11.74 3.40
C TRP A 198 -33.36 -10.63 2.34
N VAL A 199 -34.46 -9.85 2.38
CA VAL A 199 -34.75 -8.78 1.42
C VAL A 199 -33.74 -7.64 1.63
N PHE A 200 -33.26 -7.48 2.86
CA PHE A 200 -32.15 -6.55 3.13
C PHE A 200 -30.80 -7.18 2.76
N PHE A 201 -30.48 -8.39 3.30
CA PHE A 201 -29.11 -8.93 3.31
C PHE A 201 -28.66 -9.40 1.92
N ILE A 202 -29.54 -10.04 1.17
CA ILE A 202 -29.14 -10.56 -0.14
C ILE A 202 -28.81 -9.44 -1.12
N PRO A 203 -29.64 -8.37 -1.26
CA PRO A 203 -29.23 -7.20 -2.05
C PRO A 203 -27.96 -6.53 -1.51
N PHE A 204 -27.80 -6.39 -0.19
CA PHE A 204 -26.56 -5.84 0.32
C PHE A 204 -25.37 -6.63 -0.22
N ILE A 205 -25.44 -7.97 -0.16
CA ILE A 205 -24.32 -8.83 -0.56
C ILE A 205 -24.06 -8.63 -2.07
N MET A 206 -25.11 -8.64 -2.86
CA MET A 206 -24.98 -8.56 -4.31
C MET A 206 -24.33 -7.25 -4.71
N LEU A 207 -24.75 -6.16 -4.06
CA LEU A 207 -24.24 -4.86 -4.42
C LEU A 207 -22.83 -4.63 -3.88
N THR A 208 -22.52 -5.06 -2.64
CA THR A 208 -21.17 -4.79 -2.13
C THR A 208 -20.14 -5.72 -2.78
N THR A 209 -20.52 -6.97 -3.07
CA THR A 209 -19.48 -7.82 -3.63
C THR A 209 -19.17 -7.33 -5.05
N LEU A 210 -20.19 -6.94 -5.82
CA LEU A 210 -19.96 -6.38 -7.14
C LEU A 210 -19.04 -5.14 -7.02
N THR A 211 -19.35 -4.21 -6.10
CA THR A 211 -18.65 -2.95 -5.98
C THR A 211 -17.23 -3.15 -5.45
N VAL A 212 -17.05 -4.03 -4.46
CA VAL A 212 -15.70 -4.20 -3.95
C VAL A 212 -14.80 -4.90 -5.00
N LEU A 213 -15.36 -5.82 -5.79
CA LEU A 213 -14.55 -6.38 -6.86
C LEU A 213 -14.26 -5.33 -7.95
N ASN A 214 -15.24 -4.49 -8.28
CA ASN A 214 -14.98 -3.34 -9.15
C ASN A 214 -13.81 -2.52 -8.59
N LEU A 215 -13.82 -2.25 -7.27
CA LEU A 215 -12.74 -1.51 -6.64
C LEU A 215 -11.40 -2.23 -6.81
N PHE A 216 -11.38 -3.56 -6.53
CA PHE A 216 -10.17 -4.36 -6.57
C PHE A 216 -9.59 -4.43 -7.98
N ILE A 217 -10.42 -4.77 -8.95
CA ILE A 217 -10.01 -4.90 -10.32
C ILE A 217 -9.49 -3.55 -10.83
N GLY A 218 -10.15 -2.42 -10.48
CA GLY A 218 -9.67 -1.13 -10.98
C GLY A 218 -8.29 -0.80 -10.41
N ILE A 219 -8.08 -1.02 -9.11
CA ILE A 219 -6.77 -0.79 -8.54
C ILE A 219 -5.75 -1.62 -9.29
N ILE A 220 -6.09 -2.89 -9.50
CA ILE A 220 -5.03 -3.81 -9.90
C ILE A 220 -4.62 -3.58 -11.35
N VAL A 221 -5.63 -3.36 -12.21
CA VAL A 221 -5.38 -3.15 -13.62
C VAL A 221 -4.56 -1.88 -13.85
N ASP A 222 -4.90 -0.81 -13.12
CA ASP A 222 -4.19 0.45 -13.21
C ASP A 222 -2.81 0.37 -12.56
N ALA A 223 -2.74 -0.27 -11.40
CA ALA A 223 -1.46 -0.39 -10.66
C ALA A 223 -0.46 -1.11 -11.53
N MET A 224 -0.95 -2.16 -12.19
CA MET A 224 -0.02 -2.95 -12.95
C MET A 224 0.48 -2.15 -14.16
N ALA A 225 -0.38 -1.32 -14.77
CA ALA A 225 0.00 -0.61 -16.00
C ALA A 225 1.02 0.49 -15.65
N ILE A 226 0.73 1.23 -14.57
CA ILE A 226 1.63 2.21 -14.01
C ILE A 226 2.98 1.58 -13.64
N THR A 227 2.97 0.47 -12.90
CA THR A 227 4.21 -0.17 -12.46
C THR A 227 5.05 -0.52 -13.68
N LYS A 228 4.37 -0.91 -14.75
CA LYS A 228 5.08 -1.44 -15.90
C LYS A 228 5.76 -0.31 -16.68
N GLU A 229 5.10 0.85 -16.74
CA GLU A 229 5.64 2.06 -17.33
C GLU A 229 6.86 2.51 -16.53
N GLN A 230 6.73 2.52 -15.20
CA GLN A 230 7.83 2.88 -14.30
C GLN A 230 9.03 1.95 -14.45
N GLU A 231 8.78 0.65 -14.64
CA GLU A 231 9.86 -0.31 -14.82
C GLU A 231 10.54 -0.03 -16.17
N GLU A 232 9.77 0.54 -17.10
CA GLU A 232 10.29 0.78 -18.44
C GLU A 232 11.22 1.98 -18.41
N GLU A 233 10.71 3.11 -17.88
CA GLU A 233 11.45 4.32 -17.64
C GLU A 233 12.72 4.04 -16.84
N ALA A 234 12.61 3.28 -15.74
CA ALA A 234 13.78 3.00 -14.91
C ALA A 234 14.89 2.29 -15.69
N LYS A 235 14.54 1.57 -16.76
CA LYS A 235 15.53 0.72 -17.42
C LYS A 235 16.01 1.33 -18.74
N THR A 236 15.23 2.26 -19.33
CA THR A 236 15.57 2.77 -20.66
C THR A 236 15.32 4.28 -20.74
N GLY A 237 14.84 4.86 -19.64
CA GLY A 237 14.63 6.29 -19.54
C GLY A 237 13.33 6.73 -20.19
N HIS A 238 12.69 5.83 -20.97
CA HIS A 238 11.34 6.11 -21.45
C HIS A 238 10.42 4.88 -21.36
N HIS A 239 9.16 5.06 -21.77
CA HIS A 239 8.18 3.98 -21.83
C HIS A 239 7.68 3.80 -23.27
N GLN A 240 6.91 2.73 -23.50
CA GLN A 240 6.16 2.49 -24.73
C GLN A 240 5.15 3.62 -24.92
N GLU A 241 5.07 4.16 -26.14
CA GLU A 241 3.99 5.08 -26.43
C GLU A 241 2.68 4.29 -26.50
N PRO A 242 1.54 4.83 -26.00
CA PRO A 242 0.23 4.20 -26.19
C PRO A 242 -0.10 4.02 -27.67
N ILE A 243 -0.56 2.81 -28.03
CA ILE A 243 -0.97 2.45 -29.38
C ILE A 243 -1.81 3.60 -29.96
N SER A 244 -2.71 4.12 -29.11
CA SER A 244 -3.46 5.35 -29.27
C SER A 244 -2.69 6.39 -30.09
N GLN A 245 -1.52 6.78 -29.57
CA GLN A 245 -0.74 7.90 -30.07
C GLN A 245 0.20 7.46 -31.20
N THR A 246 0.53 6.16 -31.26
CA THR A 246 1.29 5.59 -32.37
C THR A 246 0.51 5.76 -33.67
N LEU A 247 -0.80 5.51 -33.59
CA LEU A 247 -1.73 5.57 -34.70
C LEU A 247 -1.90 7.02 -35.20
N LEU A 248 -2.00 7.97 -34.26
CA LEU A 248 -2.10 9.39 -34.57
C LEU A 248 -0.92 9.82 -35.44
N HIS A 249 0.29 9.42 -35.03
CA HIS A 249 1.53 9.68 -35.75
C HIS A 249 1.50 9.08 -37.15
N LEU A 250 0.87 7.91 -37.30
CA LEU A 250 0.74 7.27 -38.61
C LEU A 250 -0.15 8.14 -39.50
N GLY A 251 -1.16 8.77 -38.89
CA GLY A 251 -2.04 9.73 -39.54
C GLY A 251 -1.29 10.95 -40.08
N ASP A 252 -0.26 11.38 -39.31
CA ASP A 252 0.58 12.52 -39.63
C ASP A 252 1.40 12.27 -40.90
N ARG A 253 2.00 11.09 -41.01
CA ARG A 253 2.82 10.73 -42.15
C ARG A 253 1.95 10.57 -43.40
N LEU A 254 0.64 10.39 -43.20
CA LEU A 254 -0.30 10.22 -44.30
C LEU A 254 -0.89 11.55 -44.72
N ASP A 255 -0.78 12.57 -43.85
CA ASP A 255 -1.15 13.94 -44.18
C ASP A 255 -0.04 14.60 -44.97
N ARG A 256 1.21 14.18 -44.72
CA ARG A 256 2.38 14.74 -45.38
C ARG A 256 2.68 13.96 -46.66
N ILE A 257 1.88 12.91 -46.93
CA ILE A 257 1.95 12.15 -48.17
C ILE A 257 0.81 12.57 -49.11
N GLU A 258 -0.33 12.98 -48.53
CA GLU A 258 -1.45 13.46 -49.33
C GLU A 258 -1.21 14.91 -49.75
N LYS A 259 -0.36 15.63 -48.98
CA LYS A 259 -0.02 17.02 -49.24
C LYS A 259 1.18 17.12 -50.19
N GLN A 260 1.98 16.04 -50.26
CA GLN A 260 3.07 15.94 -51.21
C GLN A 260 2.55 15.34 -52.52
N LEU A 261 1.38 14.68 -52.46
CA LEU A 261 0.78 13.99 -53.61
C LEU A 261 -0.17 14.93 -54.37
N ALA A 262 -0.64 15.99 -53.69
CA ALA A 262 -1.40 17.05 -54.31
C ALA A 262 -0.47 17.98 -55.10
N GLN A 263 0.76 18.19 -54.56
CA GLN A 263 1.78 19.03 -55.16
C GLN A 263 2.18 18.48 -56.55
#